data_6YXK
#
_entry.id   6YXK
#
_cell.length_a   53.379
_cell.length_b   82.094
_cell.length_c   135.613
_cell.angle_alpha   90.000
_cell.angle_beta   90.000
_cell.angle_gamma   90.000
#
_symmetry.space_group_name_H-M   'P 21 21 21'
#
loop_
_entity.id
_entity.type
_entity.pdbx_description
1 polymer 'ACPA 3F3 Fab fragment - heavy chain'
2 polymer 'ACPA 3F3 Fab fragment - light chain'
3 polymer 'Citrullinated Vimentin (59-74)'
4 non-polymer 2-acetamido-2-deoxy-beta-D-glucopyranose
5 water water
#
loop_
_entity_poly.entity_id
_entity_poly.type
_entity_poly.pdbx_seq_one_letter_code
_entity_poly.pdbx_strand_id
1 'polypeptide(L)'
;VQLVQPGAEVMQPGASMKVPCETSGYIFNDYYLHWVRQAPGLGLEWMGWIAPKTGVTKFAQKFQGRVNMTADSSVNTSYL
EMTGLTFDDTAVYFCARGTYLPVDESAAFDVWGLGTDVTVSSASTKGPSVFPLAPSSKSTSGGTAALGCLVKDYFPEPVT
VSWNSGALTSGVHTFPAVLQSSGLFSLSSVVTVPSSSLGTQTYICNVNHKPSNTKVDKRVEPK
;
A
2 'polypeptide(L)'
;DIEMTQYPDSLAVFLGERATVNCKSSQSVLHWGNDKNYFAWYQQKRGQAPKLLISSSSARESGVPDRFSGSGSGTDFNLT
ISSLQAEDVAVYFCQQYYEAPYTFGQGTRLEIKTVAAPSVFIFPPSDEQLKSGTASVVCLLNNFYPREAKVQWKVDNALQ
SGNSQESVTEQDSKDSTYSLSSTLTLSKADYEKHKVYACEVTHQGLSSPVTKSFNRGC
;
B
3 'polypeptide(L)' GVYATRSSAV(CIR)L(CIR)SSV C
#
loop_
_chem_comp.id
_chem_comp.type
_chem_comp.name
_chem_comp.formula
NAG D-saccharide, beta linking 2-acetamido-2-deoxy-beta-D-glucopyranose 'C8 H15 N O6'
#
# COMPACT_ATOMS: atom_id res chain seq x y z
N VAL A 1 17.87 15.66 -11.59
CA VAL A 1 18.04 14.17 -11.93
C VAL A 1 16.76 13.48 -11.53
N GLN A 2 15.93 13.11 -12.48
CA GLN A 2 14.76 12.30 -12.10
C GLN A 2 14.21 11.51 -13.26
N LEU A 3 13.32 10.63 -12.87
CA LEU A 3 12.58 9.76 -13.79
C LEU A 3 11.10 10.10 -13.67
N VAL A 4 10.47 10.41 -14.80
CA VAL A 4 9.08 10.87 -14.84
C VAL A 4 8.22 9.74 -15.38
N GLN A 5 7.17 9.39 -14.66
CA GLN A 5 6.21 8.37 -15.12
C GLN A 5 4.78 8.88 -14.94
N PRO A 6 3.83 8.43 -15.77
CA PRO A 6 2.45 8.86 -15.66
C PRO A 6 1.89 8.18 -14.42
N GLY A 7 0.86 8.81 -13.81
CA GLY A 7 0.30 8.29 -12.54
C GLY A 7 -0.35 6.92 -12.71
N ALA A 8 -1.15 6.75 -13.76
CA ALA A 8 -2.03 5.56 -13.82
C ALA A 8 -2.31 5.20 -15.26
N GLU A 9 -2.52 3.91 -15.48
CA GLU A 9 -3.04 3.40 -16.72
C GLU A 9 -4.07 2.34 -16.34
N VAL A 10 -5.20 2.28 -17.04
CA VAL A 10 -6.19 1.14 -16.87
C VAL A 10 -6.21 0.36 -18.17
N MET A 11 -5.94 -0.93 -18.14
CA MET A 11 -5.99 -1.79 -19.34
C MET A 11 -6.98 -2.90 -19.05
N GLN A 12 -7.44 -3.50 -20.13
CA GLN A 12 -8.36 -4.67 -20.14
C GLN A 12 -7.55 -5.94 -19.95
N PRO A 13 -8.19 -6.95 -19.30
CA PRO A 13 -7.65 -8.31 -19.32
C PRO A 13 -7.37 -8.73 -20.77
N GLY A 14 -6.16 -9.30 -20.93
CA GLY A 14 -5.76 -9.88 -22.22
C GLY A 14 -5.11 -8.86 -23.11
N ALA A 15 -5.16 -7.59 -22.75
CA ALA A 15 -4.63 -6.48 -23.57
C ALA A 15 -3.13 -6.35 -23.30
N SER A 16 -2.49 -5.42 -24.01
CA SER A 16 -1.05 -5.06 -23.88
C SER A 16 -0.96 -3.73 -23.17
N MET A 17 0.14 -3.49 -22.49
CA MET A 17 0.36 -2.15 -21.90
C MET A 17 1.71 -1.64 -22.38
N LYS A 18 1.91 -0.35 -22.24
CA LYS A 18 3.16 0.31 -22.56
C LYS A 18 3.32 1.42 -21.52
N VAL A 19 4.30 1.24 -20.67
CA VAL A 19 4.51 2.13 -19.50
C VAL A 19 5.80 2.89 -19.81
N PRO A 20 5.77 4.23 -19.87
CA PRO A 20 6.99 5.00 -20.13
C PRO A 20 7.73 5.47 -18.87
N CYS A 21 8.98 5.89 -19.10
CA CYS A 21 9.90 6.38 -18.07
C CYS A 21 10.79 7.42 -18.76
N GLU A 22 10.53 8.67 -18.50
CA GLU A 22 11.20 9.80 -19.16
C GLU A 22 12.28 10.32 -18.21
N THR A 23 13.48 10.40 -18.72
CA THR A 23 14.63 10.76 -17.88
C THR A 23 14.80 12.25 -17.96
N SER A 24 15.28 12.78 -16.83
CA SER A 24 15.57 14.22 -16.63
C SER A 24 16.94 14.41 -15.96
N GLY A 25 17.69 15.45 -16.31
CA GLY A 25 18.76 15.95 -15.45
C GLY A 25 20.03 15.14 -15.60
N TYR A 26 20.12 14.29 -16.63
CA TYR A 26 21.31 13.46 -16.95
C TYR A 26 21.16 12.90 -18.36
N ILE A 27 22.24 12.30 -18.83
CA ILE A 27 22.36 11.76 -20.20
C ILE A 27 21.73 10.36 -20.27
N PHE A 28 20.59 10.29 -20.96
CA PHE A 28 19.68 9.12 -21.10
C PHE A 28 20.50 7.85 -21.40
N ASN A 29 21.43 7.97 -22.35
CA ASN A 29 22.17 6.82 -22.92
C ASN A 29 23.17 6.21 -21.91
N ASP A 30 23.60 6.94 -20.88
CA ASP A 30 24.75 6.55 -20.06
C ASP A 30 24.34 5.64 -18.88
N TYR A 31 23.06 5.29 -18.65
CA TYR A 31 22.75 4.46 -17.46
C TYR A 31 21.74 3.36 -17.82
N TYR A 32 21.81 2.27 -17.11
CA TYR A 32 20.80 1.20 -17.26
C TYR A 32 19.52 1.67 -16.58
N LEU A 33 18.38 1.28 -17.12
CA LEU A 33 17.07 1.48 -16.48
C LEU A 33 16.56 0.07 -16.16
N HIS A 34 15.82 -0.04 -15.08
CA HIS A 34 15.22 -1.30 -14.54
C HIS A 34 13.74 -1.04 -14.33
N TRP A 35 12.95 -2.09 -14.45
CA TRP A 35 11.54 -2.06 -14.12
C TRP A 35 11.36 -3.02 -12.96
N VAL A 36 10.62 -2.55 -11.98
CA VAL A 36 10.34 -3.22 -10.69
C VAL A 36 8.84 -3.01 -10.46
N ARG A 37 8.08 -4.06 -10.20
CA ARG A 37 6.64 -3.86 -10.03
C ARG A 37 6.23 -4.26 -8.60
N GLN A 38 5.09 -3.73 -8.12
CA GLN A 38 4.62 -3.96 -6.73
C GLN A 38 3.12 -4.08 -6.72
N ALA A 39 2.63 -5.28 -6.65
CA ALA A 39 1.19 -5.54 -6.52
C ALA A 39 0.68 -4.91 -5.23
N PRO A 40 -0.63 -4.57 -5.16
CA PRO A 40 -1.18 -3.87 -3.99
C PRO A 40 -0.90 -4.65 -2.70
N GLY A 41 -0.17 -3.98 -1.79
CA GLY A 41 0.25 -4.39 -0.45
C GLY A 41 1.33 -5.45 -0.44
N LEU A 42 2.03 -5.70 -1.54
CA LEU A 42 2.99 -6.79 -1.58
C LEU A 42 4.39 -6.22 -1.84
N GLY A 43 5.32 -7.15 -2.12
CA GLY A 43 6.74 -6.92 -2.32
C GLY A 43 7.10 -6.19 -3.59
N LEU A 44 8.37 -5.93 -3.74
CA LEU A 44 9.04 -5.45 -4.98
C LEU A 44 9.49 -6.65 -5.83
N GLU A 45 9.22 -6.64 -7.15
CA GLU A 45 9.62 -7.72 -8.06
C GLU A 45 10.38 -7.03 -9.19
N TRP A 46 11.59 -7.50 -9.41
CA TRP A 46 12.46 -7.07 -10.52
C TRP A 46 12.04 -7.76 -11.80
N MET A 47 11.87 -6.97 -12.84
CA MET A 47 11.38 -7.50 -14.13
C MET A 47 12.52 -7.59 -15.14
N GLY A 48 13.41 -6.56 -15.20
CA GLY A 48 14.40 -6.58 -16.25
C GLY A 48 15.14 -5.27 -16.31
N TRP A 49 16.22 -5.21 -17.13
CA TRP A 49 16.89 -3.90 -17.37
C TRP A 49 17.04 -3.70 -18.87
N ILE A 50 17.40 -2.47 -19.26
CA ILE A 50 17.69 -2.08 -20.64
C ILE A 50 18.88 -1.10 -20.55
N ALA A 51 19.86 -1.24 -21.40
CA ALA A 51 20.96 -0.28 -21.62
C ALA A 51 20.45 0.60 -22.74
N PRO A 52 19.90 1.79 -22.49
CA PRO A 52 19.20 2.51 -23.54
C PRO A 52 20.10 2.80 -24.75
N LYS A 53 21.39 2.98 -24.52
CA LYS A 53 22.30 3.37 -25.64
C LYS A 53 22.18 2.35 -26.77
N THR A 54 22.23 1.03 -26.48
CA THR A 54 22.31 -0.07 -27.46
C THR A 54 20.98 -0.83 -27.58
N GLY A 55 20.03 -0.61 -26.68
CA GLY A 55 18.76 -1.36 -26.69
C GLY A 55 18.95 -2.77 -26.18
N VAL A 56 20.11 -3.11 -25.63
CA VAL A 56 20.32 -4.50 -25.17
C VAL A 56 19.51 -4.62 -23.88
N THR A 57 18.85 -5.73 -23.71
CA THR A 57 17.99 -5.97 -22.55
C THR A 57 18.28 -7.30 -21.82
N LYS A 58 17.73 -7.46 -20.61
CA LYS A 58 17.74 -8.75 -19.89
C LYS A 58 16.48 -8.77 -19.03
N PHE A 59 15.72 -9.84 -19.12
CA PHE A 59 14.43 -9.97 -18.40
C PHE A 59 14.56 -11.12 -17.42
N ALA A 60 13.83 -11.06 -16.34
CA ALA A 60 13.65 -12.22 -15.44
C ALA A 60 12.97 -13.30 -16.27
N GLN A 61 13.37 -14.53 -16.04
CA GLN A 61 12.86 -15.71 -16.80
C GLN A 61 11.33 -15.68 -16.78
N LYS A 62 10.66 -15.55 -15.65
CA LYS A 62 9.17 -15.56 -15.67
C LYS A 62 8.53 -14.50 -16.57
N PHE A 63 9.22 -13.45 -17.04
CA PHE A 63 8.62 -12.45 -17.95
C PHE A 63 9.09 -12.63 -19.39
N GLN A 64 9.97 -13.59 -19.65
CA GLN A 64 10.50 -13.87 -21.00
C GLN A 64 9.35 -14.32 -21.88
N GLY A 65 9.24 -13.65 -23.04
CA GLY A 65 8.28 -13.89 -24.13
C GLY A 65 6.99 -13.11 -24.01
N ARG A 66 6.77 -12.37 -22.94
CA ARG A 66 5.60 -11.46 -22.84
C ARG A 66 6.05 -10.02 -22.54
N VAL A 67 7.32 -9.73 -22.38
CA VAL A 67 7.74 -8.33 -22.13
C VAL A 67 8.71 -7.91 -23.21
N ASN A 68 8.79 -6.61 -23.40
CA ASN A 68 9.90 -6.00 -24.15
C ASN A 68 10.21 -4.68 -23.43
N MET A 69 11.44 -4.19 -23.60
CA MET A 69 11.89 -2.90 -23.08
C MET A 69 12.61 -2.23 -24.25
N THR A 70 12.19 -1.02 -24.54
CA THR A 70 12.65 -0.27 -25.72
C THR A 70 12.97 1.16 -25.28
N ALA A 71 13.73 1.86 -26.10
CA ALA A 71 14.21 3.20 -25.76
C ALA A 71 14.09 4.08 -27.00
N ASP A 72 13.66 5.32 -26.81
CA ASP A 72 13.61 6.36 -27.89
C ASP A 72 14.40 7.57 -27.36
N SER A 73 15.64 7.69 -27.73
CA SER A 73 16.52 8.73 -27.16
C SER A 73 16.06 10.10 -27.63
N SER A 74 15.29 10.16 -28.70
CA SER A 74 14.80 11.46 -29.22
C SER A 74 13.83 12.06 -28.20
N VAL A 75 13.17 11.27 -27.31
CA VAL A 75 12.29 11.87 -26.26
C VAL A 75 12.83 11.53 -24.88
N ASN A 76 14.04 11.02 -24.78
CA ASN A 76 14.68 10.62 -23.50
C ASN A 76 13.75 9.67 -22.74
N THR A 77 13.00 8.81 -23.47
CA THR A 77 12.03 7.88 -22.79
C THR A 77 12.38 6.43 -23.13
N SER A 78 12.21 5.57 -22.14
CA SER A 78 12.28 4.10 -22.26
C SER A 78 10.94 3.50 -21.82
N TYR A 79 10.55 2.37 -22.41
CA TYR A 79 9.17 1.85 -22.31
C TYR A 79 9.24 0.38 -21.89
N LEU A 80 8.32 0.02 -21.03
CA LEU A 80 8.03 -1.38 -20.73
C LEU A 80 6.78 -1.73 -21.48
N GLU A 81 6.85 -2.77 -22.29
CA GLU A 81 5.69 -3.38 -22.97
C GLU A 81 5.43 -4.75 -22.34
N MET A 82 4.19 -5.05 -22.07
CA MET A 82 3.84 -6.41 -21.60
C MET A 82 2.51 -6.82 -22.24
N THR A 83 2.41 -8.07 -22.69
CA THR A 83 1.22 -8.61 -23.37
C THR A 83 0.50 -9.59 -22.42
N GLY A 84 -0.68 -9.99 -22.84
CA GLY A 84 -1.52 -10.97 -22.14
C GLY A 84 -1.74 -10.57 -20.72
N LEU A 85 -2.11 -9.31 -20.43
CA LEU A 85 -2.35 -8.86 -19.05
C LEU A 85 -3.46 -9.69 -18.36
N THR A 86 -3.28 -9.94 -17.09
CA THR A 86 -4.30 -10.53 -16.19
C THR A 86 -4.37 -9.71 -14.92
N PHE A 87 -5.36 -10.04 -14.09
CA PHE A 87 -5.55 -9.43 -12.76
C PHE A 87 -4.24 -9.46 -11.99
N ASP A 88 -3.45 -10.54 -12.12
CA ASP A 88 -2.14 -10.65 -11.43
C ASP A 88 -1.13 -9.63 -11.98
N ASP A 89 -1.44 -8.84 -13.00
CA ASP A 89 -0.48 -7.79 -13.47
C ASP A 89 -0.84 -6.43 -12.92
N THR A 90 -1.97 -6.33 -12.21
CA THR A 90 -2.34 -5.12 -11.50
C THR A 90 -1.25 -4.82 -10.49
N ALA A 91 -0.66 -3.63 -10.56
CA ALA A 91 0.49 -3.34 -9.71
C ALA A 91 0.94 -1.91 -9.98
N VAL A 92 1.82 -1.40 -9.15
CA VAL A 92 2.58 -0.19 -9.57
C VAL A 92 3.88 -0.62 -10.24
N TYR A 93 4.16 -0.12 -11.44
CA TYR A 93 5.38 -0.34 -12.27
C TYR A 93 6.33 0.82 -12.04
N PHE A 94 7.44 0.61 -11.34
CA PHE A 94 8.46 1.68 -11.12
C PHE A 94 9.56 1.48 -12.17
N CYS A 95 10.07 2.54 -12.73
CA CYS A 95 11.38 2.49 -13.40
C CYS A 95 12.41 3.05 -12.36
N ALA A 96 13.66 2.61 -12.46
CA ALA A 96 14.77 2.98 -11.58
C ALA A 96 16.09 2.96 -12.37
N ARG A 97 17.01 3.81 -11.96
CA ARG A 97 18.37 3.97 -12.55
C ARG A 97 19.38 3.15 -11.76
N GLY A 98 20.10 2.29 -12.48
CA GLY A 98 21.26 1.53 -11.97
C GLY A 98 22.58 1.99 -12.56
N THR A 99 23.28 1.03 -13.16
CA THR A 99 24.69 1.03 -13.48
C THR A 99 24.95 2.15 -14.50
N TYR A 100 26.05 2.83 -14.29
CA TYR A 100 26.67 3.72 -15.29
C TYR A 100 27.40 2.85 -16.30
N LEU A 101 26.93 2.85 -17.54
CA LEU A 101 27.30 1.95 -18.65
C LEU A 101 28.81 2.04 -18.99
N PRO A 102 29.43 3.23 -19.00
CA PRO A 102 30.82 3.32 -19.50
C PRO A 102 31.75 2.49 -18.59
N VAL A 103 31.33 2.29 -17.34
CA VAL A 103 32.14 1.55 -16.34
C VAL A 103 31.50 0.18 -16.15
N ASP A 104 30.19 0.11 -16.19
CA ASP A 104 29.46 -1.18 -16.28
C ASP A 104 29.52 -2.01 -14.99
N GLU A 105 29.95 -1.44 -13.88
CA GLU A 105 29.87 -2.12 -12.57
C GLU A 105 28.42 -2.19 -12.06
N SER A 106 27.95 -3.38 -11.73
CA SER A 106 26.58 -3.57 -11.20
C SER A 106 26.38 -2.65 -10.01
N ALA A 107 25.28 -1.92 -9.97
CA ALA A 107 25.04 -0.85 -8.96
C ALA A 107 23.62 -0.98 -8.38
N ALA A 108 23.39 -0.52 -7.16
CA ALA A 108 22.01 -0.44 -6.59
C ALA A 108 21.21 0.66 -7.32
N PHE A 109 19.92 0.73 -7.05
CA PHE A 109 19.00 1.60 -7.82
C PHE A 109 18.89 2.93 -7.06
N ASP A 110 19.62 3.96 -7.50
CA ASP A 110 19.70 5.21 -6.72
C ASP A 110 18.53 6.16 -7.04
N VAL A 111 17.96 6.16 -8.23
CA VAL A 111 16.89 7.11 -8.60
C VAL A 111 15.69 6.31 -9.10
N TRP A 112 14.48 6.54 -8.56
CA TRP A 112 13.22 5.84 -8.90
C TRP A 112 12.20 6.84 -9.44
N GLY A 113 11.44 6.43 -10.46
CA GLY A 113 10.14 7.01 -10.86
C GLY A 113 9.15 6.89 -9.72
N LEU A 114 8.09 7.73 -9.75
CA LEU A 114 7.04 7.67 -8.71
C LEU A 114 6.21 6.41 -8.92
N GLY A 115 6.26 5.84 -10.11
CA GLY A 115 5.54 4.60 -10.47
C GLY A 115 4.23 4.86 -11.20
N THR A 116 3.82 3.94 -12.06
CA THR A 116 2.57 4.03 -12.81
C THR A 116 1.69 2.96 -12.18
N ASP A 117 0.59 3.40 -11.65
CA ASP A 117 -0.41 2.42 -11.18
C ASP A 117 -1.18 1.79 -12.33
N VAL A 118 -0.94 0.52 -12.60
CA VAL A 118 -1.61 -0.16 -13.72
C VAL A 118 -2.71 -1.06 -13.17
N THR A 119 -3.95 -0.84 -13.56
CA THR A 119 -5.11 -1.65 -13.09
C THR A 119 -5.55 -2.43 -14.30
N VAL A 120 -5.54 -3.74 -14.20
CA VAL A 120 -6.12 -4.60 -15.25
C VAL A 120 -7.57 -4.85 -14.91
N SER A 121 -8.44 -4.36 -15.74
CA SER A 121 -9.88 -4.47 -15.47
C SER A 121 -10.68 -4.18 -16.73
N SER A 122 -11.78 -4.88 -16.85
CA SER A 122 -12.75 -4.54 -17.91
C SER A 122 -13.85 -3.65 -17.33
N ALA A 123 -13.83 -3.22 -16.06
CA ALA A 123 -14.87 -2.30 -15.54
C ALA A 123 -14.83 -0.93 -16.30
N SER A 124 -15.95 -0.22 -16.36
CA SER A 124 -16.04 1.15 -16.94
C SER A 124 -15.92 2.19 -15.83
N THR A 125 -15.38 3.37 -16.16
CA THR A 125 -15.34 4.53 -15.23
C THR A 125 -16.71 4.72 -14.59
N LYS A 126 -16.74 4.80 -13.28
CA LYS A 126 -18.00 5.03 -12.53
C LYS A 126 -17.71 5.88 -11.28
N GLY A 127 -18.52 6.93 -11.09
CA GLY A 127 -18.53 7.78 -9.89
C GLY A 127 -19.18 6.98 -8.75
N PRO A 128 -18.84 7.29 -7.48
CA PRO A 128 -19.38 6.58 -6.33
C PRO A 128 -20.78 7.05 -5.94
N SER A 129 -21.52 6.15 -5.29
CA SER A 129 -22.68 6.48 -4.44
C SER A 129 -22.12 6.79 -3.07
N VAL A 130 -22.57 7.84 -2.40
CA VAL A 130 -22.10 8.18 -1.04
C VAL A 130 -23.29 8.00 -0.10
N PHE A 131 -23.18 7.06 0.84
CA PHE A 131 -24.21 6.80 1.85
C PHE A 131 -23.75 7.24 3.22
N PRO A 132 -24.66 7.74 4.05
CA PRO A 132 -24.32 8.10 5.41
C PRO A 132 -24.11 6.88 6.30
N LEU A 133 -23.11 6.98 7.17
CA LEU A 133 -22.99 6.11 8.37
C LEU A 133 -23.44 6.97 9.56
N ALA A 134 -24.73 6.89 9.89
CA ALA A 134 -25.39 7.79 10.88
C ALA A 134 -24.84 7.46 12.26
N PRO A 135 -24.63 8.48 13.12
CA PRO A 135 -24.27 8.25 14.51
C PRO A 135 -25.42 7.53 15.21
N SER A 136 -25.13 6.51 16.01
CA SER A 136 -26.14 5.63 16.65
C SER A 136 -26.82 6.44 17.74
N SER A 137 -28.01 6.02 18.16
CA SER A 137 -28.80 6.68 19.24
C SER A 137 -28.26 6.30 20.63
N LYS A 138 -26.92 6.16 20.78
CA LYS A 138 -26.21 5.92 22.09
C LYS A 138 -24.87 6.67 22.18
N SER A 139 -24.42 7.04 23.39
CA SER A 139 -23.01 7.37 23.79
C SER A 139 -22.97 8.48 24.86
N GLY A 143 -19.86 11.09 26.03
CA GLY A 143 -18.64 10.54 25.42
C GLY A 143 -18.55 11.00 23.99
N THR A 144 -18.12 10.11 23.13
CA THR A 144 -17.84 10.41 21.71
C THR A 144 -18.72 9.45 20.88
N ALA A 145 -19.17 9.95 19.74
CA ALA A 145 -19.96 9.23 18.73
C ALA A 145 -19.08 9.06 17.52
N ALA A 146 -19.32 7.97 16.78
CA ALA A 146 -18.72 7.77 15.44
C ALA A 146 -19.78 8.00 14.36
N LEU A 147 -19.38 8.66 13.27
CA LEU A 147 -20.20 8.81 12.07
C LEU A 147 -19.27 8.79 10.85
N GLY A 148 -19.80 8.60 9.65
CA GLY A 148 -18.97 8.73 8.46
C GLY A 148 -19.74 8.60 7.18
N CYS A 149 -19.02 8.27 6.13
CA CYS A 149 -19.52 8.15 4.76
C CYS A 149 -19.08 6.83 4.21
N LEU A 150 -20.00 6.15 3.54
CA LEU A 150 -19.68 4.93 2.78
C LEU A 150 -19.66 5.36 1.31
N VAL A 151 -18.51 5.24 0.67
CA VAL A 151 -18.27 5.62 -0.74
C VAL A 151 -18.17 4.35 -1.56
N LYS A 152 -19.27 3.99 -2.21
CA LYS A 152 -19.46 2.66 -2.81
C LYS A 152 -19.55 2.75 -4.34
N ASP A 153 -19.00 1.70 -4.97
CA ASP A 153 -19.23 1.32 -6.37
C ASP A 153 -18.59 2.37 -7.29
N TYR A 154 -17.32 2.66 -7.10
CA TYR A 154 -16.59 3.56 -8.07
C TYR A 154 -15.46 2.80 -8.74
N PHE A 155 -15.08 3.32 -9.92
CA PHE A 155 -13.94 2.77 -10.68
C PHE A 155 -13.44 3.88 -11.60
N PRO A 156 -12.13 4.09 -11.78
CA PRO A 156 -11.06 3.45 -11.01
C PRO A 156 -10.74 4.19 -9.70
N GLU A 157 -9.74 3.73 -8.94
CA GLU A 157 -9.06 4.45 -7.82
C GLU A 157 -8.39 5.66 -8.50
N PRO A 158 -8.15 6.77 -7.77
CA PRO A 158 -8.61 6.90 -6.38
C PRO A 158 -9.87 7.78 -6.16
N VAL A 159 -10.40 7.80 -4.92
CA VAL A 159 -11.31 8.89 -4.43
C VAL A 159 -10.58 9.61 -3.29
N THR A 160 -10.86 10.90 -3.05
CA THR A 160 -10.38 11.67 -1.87
C THR A 160 -11.59 12.05 -1.00
N VAL A 161 -11.45 12.02 0.34
CA VAL A 161 -12.49 12.48 1.29
C VAL A 161 -12.00 13.57 2.21
N SER A 162 -12.82 14.57 2.45
CA SER A 162 -12.57 15.58 3.49
C SER A 162 -13.88 15.78 4.22
N TRP A 163 -13.77 16.28 5.44
CA TRP A 163 -14.93 16.55 6.32
C TRP A 163 -15.04 18.06 6.50
N ASN A 164 -16.25 18.61 6.28
CA ASN A 164 -16.57 20.03 6.55
C ASN A 164 -15.55 20.88 5.79
N SER A 165 -15.31 20.58 4.52
CA SER A 165 -14.51 21.41 3.58
C SER A 165 -13.08 21.59 4.11
N GLY A 166 -12.58 20.57 4.84
CA GLY A 166 -11.22 20.53 5.40
C GLY A 166 -11.11 21.11 6.81
N ALA A 167 -12.13 21.71 7.37
CA ALA A 167 -12.15 22.23 8.76
C ALA A 167 -12.11 21.10 9.79
N LEU A 168 -12.51 19.87 9.46
CA LEU A 168 -12.55 18.77 10.45
C LEU A 168 -11.54 17.69 10.05
N THR A 169 -10.44 17.51 10.80
CA THR A 169 -9.32 16.58 10.49
C THR A 169 -8.98 15.74 11.72
N SER A 170 -9.21 16.22 12.90
CA SER A 170 -8.99 15.49 14.17
C SER A 170 -9.99 14.30 14.26
N GLY A 171 -9.49 13.08 14.45
CA GLY A 171 -10.36 11.90 14.68
C GLY A 171 -10.92 11.36 13.39
N VAL A 172 -10.46 11.87 12.23
CA VAL A 172 -10.79 11.34 10.88
C VAL A 172 -9.97 10.09 10.53
N HIS A 173 -10.63 9.06 10.04
CA HIS A 173 -9.99 7.86 9.48
C HIS A 173 -10.64 7.62 8.12
N THR A 174 -9.89 7.86 7.04
CA THR A 174 -10.28 7.45 5.67
C THR A 174 -9.53 6.14 5.37
N PHE A 175 -10.24 5.02 5.24
CA PHE A 175 -9.70 3.65 5.01
C PHE A 175 -9.26 3.46 3.56
N PRO A 176 -8.22 2.62 3.33
CA PRO A 176 -7.94 2.14 1.98
C PRO A 176 -9.19 1.43 1.45
N ALA A 177 -9.36 1.56 0.14
CA ALA A 177 -10.50 1.04 -0.62
C ALA A 177 -10.40 -0.49 -0.70
N VAL A 178 -11.50 -1.18 -0.91
CA VAL A 178 -11.43 -2.64 -1.20
C VAL A 178 -12.06 -2.83 -2.56
N LEU A 179 -11.57 -3.78 -3.35
CA LEU A 179 -12.12 -4.18 -4.65
C LEU A 179 -13.15 -5.25 -4.37
N GLN A 180 -14.41 -4.99 -4.69
CA GLN A 180 -15.54 -5.97 -4.58
C GLN A 180 -15.47 -6.90 -5.80
N SER A 181 -16.16 -8.06 -5.76
CA SER A 181 -16.17 -9.07 -6.85
C SER A 181 -16.88 -8.48 -8.08
N SER A 182 -17.69 -7.43 -7.88
CA SER A 182 -18.28 -6.62 -8.96
C SER A 182 -17.17 -5.96 -9.80
N GLY A 183 -15.96 -5.82 -9.30
CA GLY A 183 -14.93 -5.06 -10.04
C GLY A 183 -14.96 -3.59 -9.71
N LEU A 184 -15.85 -3.16 -8.81
CA LEU A 184 -15.83 -1.75 -8.32
C LEU A 184 -15.27 -1.66 -6.90
N PHE A 185 -14.75 -0.49 -6.59
CA PHE A 185 -14.08 -0.20 -5.32
C PHE A 185 -15.13 0.27 -4.27
N SER A 186 -14.85 0.06 -3.01
CA SER A 186 -15.61 0.66 -1.88
C SER A 186 -14.68 1.14 -0.75
N LEU A 187 -14.94 2.31 -0.15
CA LEU A 187 -14.19 2.71 1.07
C LEU A 187 -15.09 3.45 2.03
N SER A 188 -14.65 3.55 3.27
CA SER A 188 -15.36 4.25 4.33
C SER A 188 -14.44 5.37 4.84
N SER A 189 -15.04 6.48 5.24
CA SER A 189 -14.40 7.57 6.00
C SER A 189 -15.22 7.82 7.24
N VAL A 190 -14.60 7.72 8.41
CA VAL A 190 -15.32 7.93 9.70
C VAL A 190 -14.61 9.04 10.48
N VAL A 191 -15.35 9.64 11.38
CA VAL A 191 -14.79 10.59 12.38
C VAL A 191 -15.49 10.35 13.69
N THR A 192 -14.78 10.58 14.79
CA THR A 192 -15.34 10.55 16.15
C THR A 192 -15.53 11.99 16.59
N VAL A 193 -16.68 12.27 17.15
CA VAL A 193 -17.15 13.63 17.51
C VAL A 193 -17.79 13.54 18.87
N PRO A 194 -17.90 14.68 19.57
CA PRO A 194 -18.62 14.73 20.82
C PRO A 194 -20.09 14.40 20.55
N SER A 195 -20.66 13.47 21.32
CA SER A 195 -22.10 13.15 21.37
C SER A 195 -22.93 14.42 21.54
N SER A 196 -22.53 15.26 22.51
CA SER A 196 -23.14 16.56 22.83
C SER A 196 -23.32 17.46 21.59
N SER A 197 -22.56 17.30 20.52
CA SER A 197 -22.52 18.20 19.32
C SER A 197 -23.46 17.69 18.21
N LEU A 198 -23.99 16.46 18.34
CA LEU A 198 -24.83 15.79 17.30
C LEU A 198 -26.04 16.63 16.90
N GLY A 199 -26.79 17.21 17.83
CA GLY A 199 -27.93 18.07 17.51
C GLY A 199 -27.48 19.46 17.08
N THR A 200 -26.18 19.76 17.04
CA THR A 200 -25.67 21.16 17.03
C THR A 200 -24.87 21.38 15.78
N GLN A 201 -23.97 20.45 15.50
CA GLN A 201 -22.85 20.70 14.58
C GLN A 201 -23.21 19.92 13.32
N THR A 202 -22.97 20.54 12.17
CA THR A 202 -23.17 19.90 10.86
C THR A 202 -21.92 19.14 10.44
N TYR A 203 -22.12 17.94 9.94
CA TYR A 203 -21.06 17.04 9.47
C TYR A 203 -21.37 16.67 8.02
N ILE A 204 -20.46 17.09 7.14
CA ILE A 204 -20.49 16.84 5.69
C ILE A 204 -19.18 16.20 5.25
N CYS A 205 -19.28 15.08 4.54
CA CYS A 205 -18.10 14.46 3.91
C CYS A 205 -18.17 14.92 2.46
N ASN A 206 -17.06 15.48 2.00
CA ASN A 206 -16.77 16.03 0.64
C ASN A 206 -16.03 14.94 -0.13
N VAL A 207 -16.66 14.32 -1.09
CA VAL A 207 -16.08 13.18 -1.84
C VAL A 207 -15.65 13.67 -3.22
N ASN A 208 -14.47 13.26 -3.67
CA ASN A 208 -13.98 13.64 -5.02
C ASN A 208 -13.44 12.39 -5.71
N HIS A 209 -14.05 12.07 -6.84
CA HIS A 209 -13.57 11.01 -7.75
C HIS A 209 -13.22 11.68 -9.08
N LYS A 210 -11.97 12.07 -9.21
CA LYS A 210 -11.41 12.77 -10.40
C LYS A 210 -11.71 12.03 -11.70
N PRO A 211 -11.47 10.69 -11.82
CA PRO A 211 -11.74 9.99 -13.07
C PRO A 211 -13.12 10.18 -13.72
N SER A 212 -14.22 10.29 -12.98
CA SER A 212 -15.59 10.53 -13.50
C SER A 212 -15.95 11.99 -13.27
N ASN A 213 -15.03 12.80 -12.74
CA ASN A 213 -15.35 14.21 -12.45
C ASN A 213 -16.55 14.30 -11.49
N THR A 214 -16.67 13.40 -10.49
CA THR A 214 -17.75 13.38 -9.48
C THR A 214 -17.29 14.10 -8.21
N LYS A 215 -18.04 15.08 -7.75
CA LYS A 215 -17.94 15.68 -6.40
C LYS A 215 -19.27 15.38 -5.72
N VAL A 216 -19.28 14.88 -4.49
CA VAL A 216 -20.53 14.71 -3.72
C VAL A 216 -20.29 15.29 -2.32
N ASP A 217 -21.19 16.10 -1.82
CA ASP A 217 -21.15 16.58 -0.42
C ASP A 217 -22.30 15.82 0.23
N LYS A 218 -22.03 15.06 1.26
CA LYS A 218 -23.14 14.36 1.92
C LYS A 218 -23.20 14.79 3.38
N ARG A 219 -24.33 15.33 3.80
CA ARG A 219 -24.62 15.71 5.19
C ARG A 219 -24.92 14.39 5.93
N VAL A 220 -24.30 14.18 7.08
CA VAL A 220 -24.54 12.96 7.92
C VAL A 220 -25.23 13.40 9.22
N GLU A 221 -26.51 13.07 9.38
CA GLU A 221 -27.30 13.44 10.58
C GLU A 221 -27.69 12.17 11.34
N PRO A 222 -28.03 12.31 12.62
CA PRO A 222 -28.67 11.22 13.37
C PRO A 222 -29.97 10.75 12.70
N LYS A 223 -30.26 9.44 12.60
CA LYS A 223 -31.47 8.87 11.91
C LYS A 223 -32.68 8.89 12.85
N ASP B 1 18.33 -18.60 -9.07
CA ASP B 1 18.05 -17.24 -8.53
C ASP B 1 18.57 -17.17 -7.10
N ILE B 2 19.14 -16.02 -6.74
CA ILE B 2 19.48 -15.72 -5.33
C ILE B 2 18.22 -15.30 -4.56
N GLU B 3 17.81 -16.13 -3.64
CA GLU B 3 16.61 -15.93 -2.79
C GLU B 3 17.04 -15.11 -1.59
N MET B 4 16.34 -14.01 -1.32
CA MET B 4 16.57 -13.13 -0.19
C MET B 4 15.44 -13.36 0.83
N THR B 5 15.78 -13.52 2.08
CA THR B 5 14.77 -13.60 3.16
C THR B 5 15.15 -12.70 4.32
N GLN B 6 14.21 -11.86 4.70
CA GLN B 6 14.31 -10.87 5.78
C GLN B 6 13.73 -11.43 7.06
N TYR B 7 14.31 -11.05 8.20
CA TYR B 7 13.82 -11.43 9.54
C TYR B 7 13.94 -10.17 10.42
N PRO B 8 12.87 -9.79 11.17
CA PRO B 8 11.56 -10.49 11.08
C PRO B 8 10.68 -9.89 9.96
N ASP B 9 9.44 -10.38 9.84
CA ASP B 9 8.47 -9.79 8.87
C ASP B 9 8.07 -8.39 9.32
N SER B 10 7.91 -8.24 10.64
CA SER B 10 7.27 -7.10 11.34
C SER B 10 8.11 -6.85 12.58
N LEU B 11 8.42 -5.59 12.86
CA LEU B 11 9.27 -5.19 13.97
C LEU B 11 8.57 -4.02 14.62
N ALA B 12 8.31 -4.11 15.93
CA ALA B 12 7.84 -2.93 16.71
C ALA B 12 8.95 -2.46 17.64
N VAL B 13 9.25 -1.15 17.63
CA VAL B 13 10.32 -0.54 18.46
C VAL B 13 9.83 0.78 19.08
N PHE B 14 10.18 1.05 20.34
CA PHE B 14 9.82 2.35 20.97
C PHE B 14 10.70 3.42 20.38
N LEU B 15 10.15 4.63 20.29
CA LEU B 15 10.91 5.77 19.77
C LEU B 15 12.17 5.90 20.59
N GLY B 16 13.29 6.17 19.92
CA GLY B 16 14.53 6.48 20.60
C GLY B 16 15.33 5.23 20.83
N GLU B 17 14.77 4.06 20.51
CA GLU B 17 15.44 2.76 20.67
C GLU B 17 15.94 2.17 19.35
N ARG B 18 16.77 1.17 19.50
CA ARG B 18 17.56 0.52 18.44
C ARG B 18 16.67 -0.47 17.71
N ALA B 19 16.66 -0.38 16.39
CA ALA B 19 15.96 -1.35 15.54
C ALA B 19 16.94 -2.02 14.57
N THR B 20 16.84 -3.34 14.44
CA THR B 20 17.69 -4.12 13.50
C THR B 20 16.90 -5.11 12.65
N VAL B 21 17.10 -5.02 11.33
CA VAL B 21 16.47 -5.93 10.33
C VAL B 21 17.60 -6.84 9.83
N ASN B 22 17.31 -8.13 9.77
CA ASN B 22 18.20 -9.14 9.15
C ASN B 22 17.76 -9.52 7.71
N CYS B 23 18.75 -9.73 6.83
CA CYS B 23 18.57 -10.36 5.51
C CYS B 23 19.56 -11.50 5.36
N LYS B 24 19.12 -12.62 4.80
CA LYS B 24 19.95 -13.77 4.37
C LYS B 24 19.76 -14.01 2.86
N SER B 25 20.88 -14.17 2.13
CA SER B 25 20.89 -14.57 0.71
C SER B 25 21.21 -16.06 0.64
N SER B 26 20.65 -16.78 -0.32
CA SER B 26 20.81 -18.24 -0.49
C SER B 26 22.19 -18.55 -1.09
N GLN B 27 22.91 -17.53 -1.65
CA GLN B 27 24.29 -17.64 -2.16
C GLN B 27 25.04 -16.34 -1.77
N SER B 28 26.35 -16.38 -1.70
CA SER B 28 27.18 -15.23 -1.30
C SER B 28 27.03 -14.15 -2.36
N VAL B 29 26.98 -12.90 -1.97
CA VAL B 29 26.97 -11.77 -2.92
C VAL B 29 28.28 -10.99 -2.77
N LEU B 30 29.30 -11.61 -2.17
CA LEU B 30 30.67 -11.04 -1.97
C LEU B 30 31.49 -11.39 -3.22
N HIS B 31 31.94 -10.43 -3.97
CA HIS B 31 32.79 -10.65 -5.15
C HIS B 31 34.26 -10.74 -4.73
N TRP B 32 34.90 -11.86 -5.05
CA TRP B 32 36.35 -12.08 -4.79
C TRP B 32 37.16 -10.93 -5.43
N GLY B 33 36.76 -10.42 -6.56
CA GLY B 33 37.55 -9.43 -7.32
C GLY B 33 37.86 -8.16 -6.57
N ASN B 34 36.95 -7.65 -5.76
CA ASN B 34 37.10 -6.32 -5.11
C ASN B 34 36.71 -6.47 -3.62
N ASP B 35 36.35 -7.68 -3.20
CA ASP B 35 35.95 -7.89 -1.78
C ASP B 35 34.72 -7.03 -1.45
N LYS B 36 33.82 -6.80 -2.38
CA LYS B 36 32.62 -5.97 -2.19
C LYS B 36 31.38 -6.87 -2.16
N ASN B 37 30.48 -6.54 -1.24
CA ASN B 37 29.12 -7.12 -1.16
C ASN B 37 28.17 -6.30 -2.04
N TYR B 38 27.54 -6.93 -3.01
CA TYR B 38 26.61 -6.29 -3.98
C TYR B 38 25.21 -6.39 -3.37
N PHE B 39 25.05 -5.65 -2.28
CA PHE B 39 23.90 -5.75 -1.35
C PHE B 39 23.47 -4.30 -1.00
N ALA B 40 22.16 -4.05 -1.09
CA ALA B 40 21.54 -2.74 -0.76
C ALA B 40 20.37 -2.90 0.20
N TRP B 41 20.09 -1.83 0.90
CA TRP B 41 18.84 -1.64 1.67
C TRP B 41 18.08 -0.43 1.17
N TYR B 42 16.77 -0.58 1.07
CA TYR B 42 15.78 0.43 0.59
C TYR B 42 14.74 0.70 1.67
N GLN B 43 14.30 1.95 1.75
CA GLN B 43 13.17 2.37 2.62
C GLN B 43 11.97 2.64 1.72
N GLN B 44 10.80 2.10 2.03
CA GLN B 44 9.58 2.51 1.26
C GLN B 44 8.48 2.99 2.20
N LYS B 45 8.12 4.26 2.11
CA LYS B 45 6.92 4.72 2.85
C LYS B 45 5.64 4.47 2.04
N ARG B 46 4.53 4.30 2.74
CA ARG B 46 3.17 4.05 2.20
C ARG B 46 2.95 5.06 1.06
N GLY B 47 2.64 4.57 -0.13
CA GLY B 47 2.37 5.37 -1.34
C GLY B 47 3.60 5.99 -1.96
N GLN B 48 4.82 5.64 -1.56
CA GLN B 48 5.96 6.24 -2.30
C GLN B 48 6.82 5.18 -2.95
N ALA B 49 7.75 5.63 -3.77
CA ALA B 49 8.80 4.77 -4.35
C ALA B 49 9.81 4.41 -3.29
N PRO B 50 10.46 3.26 -3.45
CA PRO B 50 11.61 2.92 -2.65
C PRO B 50 12.65 4.04 -2.68
N LYS B 51 13.36 4.19 -1.55
CA LYS B 51 14.56 5.09 -1.46
C LYS B 51 15.78 4.25 -1.06
N LEU B 52 16.86 4.34 -1.86
CA LEU B 52 18.16 3.69 -1.53
C LEU B 52 18.72 4.29 -0.23
N LEU B 53 19.01 3.47 0.78
CA LEU B 53 19.64 3.96 2.03
C LEU B 53 21.14 3.67 2.02
N ILE B 54 21.40 2.40 1.73
CA ILE B 54 22.72 1.75 1.94
C ILE B 54 23.03 0.92 0.69
N SER B 55 24.21 1.14 0.08
CA SER B 55 24.77 0.21 -0.93
C SER B 55 26.10 -0.41 -0.43
N SER B 56 26.60 -1.44 -1.13
CA SER B 56 27.88 -2.14 -0.81
C SER B 56 27.79 -2.62 0.63
N SER B 57 26.60 -3.03 1.10
CA SER B 57 26.48 -3.60 2.47
C SER B 57 26.37 -2.52 3.53
N SER B 58 27.20 -1.47 3.43
CA SER B 58 27.44 -0.51 4.51
C SER B 58 27.65 0.96 4.04
N ALA B 59 27.60 1.34 2.75
CA ALA B 59 27.86 2.75 2.34
C ALA B 59 26.53 3.52 2.30
N ARG B 60 26.39 4.50 3.18
CA ARG B 60 25.15 5.33 3.23
C ARG B 60 25.08 6.21 1.98
N GLU B 61 23.87 6.39 1.46
CA GLU B 61 23.67 7.39 0.39
C GLU B 61 23.70 8.80 0.98
N SER B 62 23.94 9.76 0.11
CA SER B 62 23.99 11.20 0.45
C SER B 62 22.71 11.55 1.16
N GLY B 63 22.82 12.18 2.32
CA GLY B 63 21.68 12.71 3.06
C GLY B 63 21.03 11.66 3.96
N VAL B 64 21.35 10.37 3.87
CA VAL B 64 20.80 9.36 4.81
C VAL B 64 21.43 9.59 6.18
N PRO B 65 20.64 9.83 7.23
CA PRO B 65 21.24 10.19 8.52
C PRO B 65 22.05 9.00 9.08
N ASP B 66 23.06 9.33 9.90
CA ASP B 66 24.05 8.34 10.37
C ASP B 66 23.48 7.46 11.48
N ARG B 67 22.22 7.60 11.84
CA ARG B 67 21.60 6.63 12.77
C ARG B 67 21.40 5.32 12.01
N PHE B 68 21.41 5.39 10.67
CA PHE B 68 21.30 4.20 9.78
C PHE B 68 22.70 3.65 9.52
N SER B 69 22.85 2.35 9.69
CA SER B 69 24.15 1.72 9.32
C SER B 69 23.89 0.29 8.84
N GLY B 70 24.79 -0.22 8.03
CA GLY B 70 24.62 -1.60 7.55
C GLY B 70 25.84 -2.41 7.88
N SER B 71 25.65 -3.71 8.02
CA SER B 71 26.68 -4.65 8.44
C SER B 71 26.42 -6.02 7.81
N GLY B 72 27.46 -6.82 7.70
CA GLY B 72 27.37 -8.24 7.27
C GLY B 72 28.34 -8.45 6.13
N SER B 73 28.52 -9.71 5.71
CA SER B 73 29.30 -10.05 4.51
C SER B 73 28.78 -11.40 3.98
N GLY B 74 28.81 -11.60 2.67
CA GLY B 74 28.54 -12.92 2.10
C GLY B 74 27.07 -13.19 2.02
N THR B 75 26.49 -13.78 3.06
CA THR B 75 25.06 -14.16 3.00
C THR B 75 24.24 -13.56 4.13
N ASP B 76 24.81 -12.74 5.00
CA ASP B 76 24.13 -12.39 6.26
C ASP B 76 24.32 -10.91 6.55
N PHE B 77 23.25 -10.12 6.51
CA PHE B 77 23.34 -8.64 6.60
C PHE B 77 22.32 -8.14 7.63
N ASN B 78 22.64 -7.02 8.27
CA ASN B 78 21.72 -6.28 9.15
C ASN B 78 21.68 -4.83 8.72
N LEU B 79 20.49 -4.24 8.83
CA LEU B 79 20.26 -2.80 8.82
C LEU B 79 19.91 -2.43 10.22
N THR B 80 20.61 -1.41 10.72
CA THR B 80 20.44 -0.99 12.10
C THR B 80 20.09 0.48 12.08
N ILE B 81 19.06 0.82 12.85
CA ILE B 81 18.78 2.21 13.25
C ILE B 81 19.14 2.33 14.72
N SER B 82 20.14 3.14 15.03
CA SER B 82 20.67 3.30 16.41
C SER B 82 19.57 3.85 17.32
N SER B 83 18.74 4.74 16.79
CA SER B 83 17.68 5.47 17.53
C SER B 83 16.45 5.77 16.65
N LEU B 84 15.38 4.98 16.78
CA LEU B 84 14.20 5.08 15.89
C LEU B 84 13.60 6.48 16.01
N GLN B 85 13.38 7.16 14.89
CA GLN B 85 12.61 8.43 14.83
C GLN B 85 11.29 8.11 14.16
N ALA B 86 10.30 8.98 14.33
CA ALA B 86 8.94 8.80 13.74
C ALA B 86 9.04 8.71 12.20
N GLU B 87 9.92 9.52 11.57
CA GLU B 87 10.05 9.57 10.10
C GLU B 87 10.59 8.22 9.58
N ASP B 88 11.00 7.31 10.46
CA ASP B 88 11.67 6.08 10.04
C ASP B 88 10.64 4.94 9.91
N VAL B 89 9.39 5.15 10.31
CA VAL B 89 8.32 4.12 10.12
C VAL B 89 8.10 3.89 8.64
N ALA B 90 8.21 2.62 8.21
CA ALA B 90 8.37 2.31 6.79
C ALA B 90 8.48 0.82 6.67
N VAL B 91 8.50 0.35 5.43
CA VAL B 91 8.86 -1.02 5.05
C VAL B 91 10.28 -0.96 4.50
N TYR B 92 11.13 -1.86 4.94
CA TYR B 92 12.57 -1.88 4.52
C TYR B 92 12.80 -3.15 3.75
N PHE B 93 13.49 -2.96 2.64
CA PHE B 93 13.78 -4.05 1.70
C PHE B 93 15.28 -4.16 1.50
N CYS B 94 15.72 -5.40 1.47
CA CYS B 94 17.04 -5.79 0.93
C CYS B 94 16.93 -6.15 -0.55
N GLN B 95 18.10 -6.10 -1.19
CA GLN B 95 18.26 -6.42 -2.62
C GLN B 95 19.70 -6.89 -2.86
N GLN B 96 19.86 -7.91 -3.70
CA GLN B 96 21.19 -8.29 -4.20
C GLN B 96 21.25 -7.79 -5.64
N TYR B 97 22.33 -7.12 -5.98
CA TYR B 97 22.61 -6.75 -7.38
C TYR B 97 23.95 -7.39 -7.78
N TYR B 98 24.16 -8.60 -7.31
CA TYR B 98 25.35 -9.43 -7.63
C TYR B 98 25.13 -10.08 -8.99
N GLU B 99 23.94 -10.72 -9.19
CA GLU B 99 23.59 -11.24 -10.55
C GLU B 99 22.07 -11.26 -10.78
N ALA B 100 21.72 -11.07 -12.05
CA ALA B 100 20.34 -11.04 -12.55
C ALA B 100 19.76 -12.44 -12.45
N PRO B 101 18.51 -12.65 -12.04
CA PRO B 101 17.62 -11.57 -11.57
C PRO B 101 17.93 -10.94 -10.21
N TYR B 102 17.87 -9.60 -10.18
CA TYR B 102 18.28 -8.70 -9.09
C TYR B 102 17.17 -8.58 -8.01
N THR B 103 17.07 -9.64 -7.25
CA THR B 103 16.03 -9.96 -6.22
C THR B 103 15.98 -9.12 -4.94
N PHE B 104 14.76 -8.99 -4.41
CA PHE B 104 14.44 -8.26 -3.17
C PHE B 104 13.98 -9.26 -2.10
N GLY B 105 14.06 -9.01 -0.76
CA GLY B 105 13.14 -9.65 0.28
C GLY B 105 11.89 -8.76 0.64
N GLN B 106 11.42 -8.49 2.00
CA GLN B 106 10.39 -7.44 2.60
C GLN B 106 10.18 -7.11 4.20
N GLY B 107 10.38 -5.94 4.88
CA GLY B 107 10.34 -5.88 6.38
C GLY B 107 9.61 -4.67 7.05
N THR B 108 8.55 -4.88 7.84
CA THR B 108 7.65 -3.75 8.27
C THR B 108 8.04 -3.21 9.66
N ARG B 109 8.33 -1.93 9.71
CA ARG B 109 8.80 -1.27 10.94
C ARG B 109 7.81 -0.23 11.46
N LEU B 110 7.33 -0.41 12.69
CA LEU B 110 6.34 0.50 13.33
C LEU B 110 6.86 0.96 14.71
N GLU B 111 6.23 1.97 15.28
CA GLU B 111 6.50 2.45 16.63
C GLU B 111 5.77 1.52 17.59
N ILE B 112 6.45 1.14 18.66
CA ILE B 112 5.79 0.31 19.67
C ILE B 112 5.22 1.27 20.71
N LYS B 113 4.07 0.91 21.25
CA LYS B 113 3.40 1.74 22.27
C LYS B 113 2.64 0.76 23.16
N THR B 114 2.00 1.27 24.17
CA THR B 114 1.24 0.37 25.07
C THR B 114 0.01 -0.19 24.34
N VAL B 115 -0.45 -1.33 24.85
CA VAL B 115 -1.62 -2.03 24.31
C VAL B 115 -2.81 -1.07 24.48
N ALA B 116 -3.61 -0.87 23.46
CA ALA B 116 -4.84 -0.06 23.52
C ALA B 116 -6.00 -0.86 22.90
N ALA B 117 -7.06 -1.05 23.67
CA ALA B 117 -8.32 -1.66 23.21
C ALA B 117 -9.00 -0.78 22.16
N PRO B 118 -9.54 -1.40 21.10
CA PRO B 118 -10.40 -0.71 20.14
C PRO B 118 -11.72 -0.23 20.77
N SER B 119 -12.16 0.96 20.38
CA SER B 119 -13.57 1.42 20.48
C SER B 119 -14.31 0.85 19.28
N VAL B 120 -15.42 0.16 19.48
CA VAL B 120 -16.16 -0.56 18.43
C VAL B 120 -17.51 0.12 18.20
N PHE B 121 -17.83 0.38 16.93
CA PHE B 121 -19.11 0.90 16.44
C PHE B 121 -19.67 0.05 15.28
N ILE B 122 -20.98 -0.10 15.25
CA ILE B 122 -21.69 -0.77 14.14
C ILE B 122 -22.67 0.20 13.49
N PHE B 123 -22.79 0.18 12.18
CA PHE B 123 -23.63 1.08 11.34
C PHE B 123 -24.51 0.22 10.46
N PRO B 124 -25.85 0.34 10.60
CA PRO B 124 -26.77 -0.36 9.71
C PRO B 124 -26.71 0.37 8.37
N PRO B 125 -27.23 -0.30 7.33
CA PRO B 125 -27.29 0.26 6.00
C PRO B 125 -28.21 1.47 6.07
N SER B 126 -27.91 2.46 5.26
CA SER B 126 -28.82 3.62 5.10
C SER B 126 -30.03 3.19 4.30
N ASP B 127 -31.16 3.82 4.58
CA ASP B 127 -32.39 3.81 3.75
C ASP B 127 -32.03 4.14 2.31
N GLU B 128 -31.21 5.17 2.11
CA GLU B 128 -30.78 5.51 0.74
C GLU B 128 -30.30 4.21 0.10
N GLN B 129 -29.31 3.56 0.68
CA GLN B 129 -28.70 2.39 -0.01
C GLN B 129 -29.74 1.29 -0.19
N LEU B 130 -30.60 1.04 0.78
CA LEU B 130 -31.55 -0.10 0.69
C LEU B 130 -32.46 0.06 -0.55
N LYS B 131 -32.82 1.30 -0.87
CA LYS B 131 -33.70 1.59 -2.04
C LYS B 131 -33.08 1.05 -3.32
N SER B 132 -31.76 0.88 -3.40
CA SER B 132 -31.03 0.38 -4.60
C SER B 132 -30.70 -1.12 -4.51
N GLY B 133 -31.16 -1.86 -3.50
CA GLY B 133 -31.17 -3.34 -3.59
C GLY B 133 -30.00 -4.02 -2.90
N THR B 134 -29.08 -3.24 -2.33
CA THR B 134 -27.90 -3.73 -1.60
C THR B 134 -27.93 -3.12 -0.20
N ALA B 135 -27.37 -3.89 0.73
CA ALA B 135 -27.26 -3.57 2.17
C ALA B 135 -25.79 -3.78 2.57
N SER B 136 -25.08 -2.71 2.91
CA SER B 136 -23.75 -2.72 3.55
C SER B 136 -23.91 -2.44 5.03
N VAL B 137 -23.41 -3.35 5.86
CA VAL B 137 -23.26 -3.16 7.33
C VAL B 137 -21.79 -2.90 7.63
N VAL B 138 -21.49 -1.79 8.28
CA VAL B 138 -20.09 -1.44 8.64
C VAL B 138 -19.80 -1.61 10.14
N CYS B 139 -18.68 -2.25 10.44
CA CYS B 139 -18.10 -2.34 11.79
C CYS B 139 -16.82 -1.53 11.82
N LEU B 140 -16.70 -0.63 12.79
CA LEU B 140 -15.47 0.21 12.95
C LEU B 140 -14.80 -0.13 14.28
N LEU B 141 -13.50 -0.47 14.20
CA LEU B 141 -12.55 -0.64 15.32
C LEU B 141 -11.65 0.59 15.32
N ASN B 142 -11.76 1.43 16.32
CA ASN B 142 -11.08 2.77 16.33
C ASN B 142 -9.92 2.76 17.34
N ASN B 143 -8.71 3.14 16.90
CA ASN B 143 -7.56 3.54 17.76
C ASN B 143 -7.14 2.38 18.69
N PHE B 144 -6.67 1.26 18.14
CA PHE B 144 -6.14 0.12 18.92
C PHE B 144 -4.69 -0.12 18.55
N TYR B 145 -4.06 -0.91 19.42
CA TYR B 145 -2.66 -1.35 19.28
C TYR B 145 -2.49 -2.61 20.15
N PRO B 146 -1.79 -3.67 19.73
CA PRO B 146 -1.24 -3.76 18.37
C PRO B 146 -2.27 -3.99 17.23
N ARG B 147 -1.73 -4.08 16.02
CA ARG B 147 -2.44 -4.11 14.73
C ARG B 147 -3.34 -5.35 14.59
N GLU B 148 -3.04 -6.44 15.26
CA GLU B 148 -3.77 -7.72 15.06
C GLU B 148 -5.13 -7.57 15.77
N ALA B 149 -6.22 -7.76 15.04
CA ALA B 149 -7.60 -7.85 15.56
C ALA B 149 -8.37 -8.85 14.76
N LYS B 150 -9.37 -9.44 15.37
CA LYS B 150 -10.30 -10.35 14.67
C LYS B 150 -11.69 -9.72 14.76
N VAL B 151 -12.27 -9.41 13.60
CA VAL B 151 -13.73 -9.08 13.43
C VAL B 151 -14.49 -10.37 13.02
N GLN B 152 -15.53 -10.71 13.76
CA GLN B 152 -16.47 -11.80 13.36
C GLN B 152 -17.88 -11.20 13.18
N TRP B 153 -18.51 -11.41 12.04
CA TRP B 153 -19.90 -10.99 11.76
C TRP B 153 -20.82 -12.10 12.18
N LYS B 154 -21.95 -11.72 12.76
CA LYS B 154 -23.04 -12.69 13.00
C LYS B 154 -24.39 -12.08 12.63
N VAL B 155 -25.25 -12.90 12.04
CA VAL B 155 -26.61 -12.51 11.54
C VAL B 155 -27.59 -13.52 12.15
N ASP B 156 -28.51 -13.05 12.99
CA ASP B 156 -29.31 -13.91 13.90
C ASP B 156 -28.44 -15.00 14.52
N ASN B 157 -27.30 -14.59 15.07
CA ASN B 157 -26.36 -15.45 15.80
C ASN B 157 -25.71 -16.54 14.90
N ALA B 158 -25.77 -16.43 13.57
CA ALA B 158 -25.04 -17.30 12.61
C ALA B 158 -23.75 -16.61 12.13
N LEU B 159 -22.64 -17.32 12.26
CA LEU B 159 -21.27 -16.89 11.95
C LEU B 159 -21.18 -16.70 10.46
N GLN B 160 -20.75 -15.52 10.02
CA GLN B 160 -20.71 -15.19 8.58
C GLN B 160 -19.32 -15.53 8.10
N SER B 161 -19.21 -15.87 6.83
CA SER B 161 -17.88 -16.16 6.24
C SER B 161 -17.91 -15.89 4.75
N GLY B 162 -16.99 -15.09 4.21
CA GLY B 162 -16.76 -14.97 2.77
C GLY B 162 -17.48 -13.77 2.19
N ASN B 163 -18.36 -13.16 2.98
CA ASN B 163 -19.26 -12.07 2.54
C ASN B 163 -18.86 -10.76 3.22
N SER B 164 -17.66 -10.65 3.75
CA SER B 164 -17.16 -9.36 4.30
C SER B 164 -15.81 -8.99 3.73
N GLN B 165 -15.44 -7.71 3.87
CA GLN B 165 -14.11 -7.30 3.47
C GLN B 165 -13.65 -6.22 4.46
N GLU B 166 -12.36 -6.14 4.75
CA GLU B 166 -11.87 -5.15 5.75
C GLU B 166 -10.63 -4.44 5.22
N SER B 167 -10.33 -3.29 5.83
CA SER B 167 -9.03 -2.62 5.60
C SER B 167 -8.63 -1.81 6.82
N VAL B 168 -7.34 -1.46 6.87
CA VAL B 168 -6.69 -1.04 8.13
C VAL B 168 -5.89 0.21 7.79
N THR B 169 -6.03 1.26 8.58
CA THR B 169 -5.25 2.52 8.36
C THR B 169 -3.77 2.26 8.55
N GLU B 170 -2.95 3.18 8.10
CA GLU B 170 -1.55 3.22 8.54
C GLU B 170 -1.53 3.63 10.01
N GLN B 171 -0.37 3.46 10.64
CA GLN B 171 -0.18 3.81 12.05
C GLN B 171 -0.46 5.31 12.21
N ASP B 172 -1.33 5.68 13.14
CA ASP B 172 -1.68 7.11 13.38
C ASP B 172 -0.48 7.95 13.82
N SER B 173 -0.24 9.10 13.20
CA SER B 173 0.97 9.93 13.47
C SER B 173 0.93 10.56 14.87
N LYS B 174 -0.24 10.67 15.49
CA LYS B 174 -0.41 11.36 16.78
C LYS B 174 -0.41 10.34 17.92
N ASP B 175 -1.06 9.16 17.77
CA ASP B 175 -1.15 8.24 18.93
C ASP B 175 -0.54 6.86 18.62
N SER B 176 -0.06 6.60 17.40
CA SER B 176 0.59 5.32 16.99
C SER B 176 -0.39 4.13 17.07
N THR B 177 -1.68 4.36 17.00
CA THR B 177 -2.73 3.31 16.89
C THR B 177 -3.04 3.00 15.42
N TYR B 178 -3.83 1.94 15.25
CA TYR B 178 -4.44 1.54 13.96
C TYR B 178 -5.95 1.69 14.13
N SER B 179 -6.65 1.84 13.00
CA SER B 179 -8.11 1.63 12.95
C SER B 179 -8.44 0.61 11.85
N LEU B 180 -9.62 0.09 11.93
CA LEU B 180 -10.07 -0.94 10.98
C LEU B 180 -11.55 -0.75 10.66
N SER B 181 -11.88 -0.90 9.37
CA SER B 181 -13.24 -0.91 8.79
C SER B 181 -13.52 -2.27 8.21
N SER B 182 -14.61 -2.88 8.62
CA SER B 182 -15.10 -4.17 8.05
C SER B 182 -16.45 -3.87 7.42
N THR B 183 -16.72 -4.35 6.19
CA THR B 183 -18.03 -4.19 5.56
C THR B 183 -18.64 -5.58 5.33
N LEU B 184 -19.86 -5.80 5.79
CA LEU B 184 -20.65 -7.04 5.46
C LEU B 184 -21.65 -6.67 4.35
N THR B 185 -21.59 -7.31 3.20
CA THR B 185 -22.51 -7.01 2.07
C THR B 185 -23.54 -8.12 1.87
N LEU B 186 -24.81 -7.77 1.93
CA LEU B 186 -25.92 -8.68 1.57
C LEU B 186 -26.78 -7.99 0.52
N SER B 187 -27.56 -8.77 -0.21
CA SER B 187 -28.73 -8.29 -0.99
C SER B 187 -29.70 -7.67 0.02
N LYS B 188 -30.47 -6.67 -0.41
CA LYS B 188 -31.55 -6.12 0.42
C LYS B 188 -32.54 -7.24 0.83
N ALA B 189 -32.90 -8.09 -0.11
CA ALA B 189 -33.86 -9.19 0.15
C ALA B 189 -33.30 -10.03 1.31
N ASP B 190 -32.02 -10.37 1.27
CA ASP B 190 -31.34 -11.17 2.34
C ASP B 190 -31.23 -10.38 3.65
N TYR B 191 -30.86 -9.11 3.55
CA TYR B 191 -30.82 -8.22 4.72
C TYR B 191 -32.19 -8.24 5.40
N GLU B 192 -33.27 -8.22 4.61
CA GLU B 192 -34.60 -7.99 5.22
C GLU B 192 -35.19 -9.26 5.82
N LYS B 193 -34.54 -10.42 5.68
CA LYS B 193 -35.01 -11.73 6.24
C LYS B 193 -34.44 -11.96 7.66
N HIS B 194 -33.63 -11.05 8.19
CA HIS B 194 -32.96 -11.27 9.48
C HIS B 194 -33.19 -10.10 10.44
N LYS B 195 -33.07 -10.41 11.72
CA LYS B 195 -33.29 -9.45 12.83
C LYS B 195 -31.96 -8.88 13.34
N VAL B 196 -31.08 -9.75 13.84
CA VAL B 196 -29.95 -9.32 14.72
C VAL B 196 -28.66 -9.25 13.86
N TYR B 197 -28.06 -8.06 13.78
CA TYR B 197 -26.82 -7.85 13.01
C TYR B 197 -25.73 -7.51 14.02
N ALA B 198 -24.69 -8.32 14.09
CA ALA B 198 -23.69 -8.20 15.20
C ALA B 198 -22.25 -8.23 14.63
N CYS B 199 -21.46 -7.31 15.15
CA CYS B 199 -20.02 -7.20 14.94
C CYS B 199 -19.29 -7.70 16.21
N GLU B 200 -18.56 -8.83 16.20
CA GLU B 200 -17.83 -9.35 17.40
C GLU B 200 -16.29 -9.14 17.26
N VAL B 201 -15.69 -8.46 18.24
CA VAL B 201 -14.26 -8.08 18.19
C VAL B 201 -13.40 -8.76 19.27
N THR B 202 -12.28 -9.32 18.82
CA THR B 202 -11.24 -9.97 19.66
C THR B 202 -9.92 -9.22 19.50
N HIS B 203 -9.37 -8.74 20.61
CA HIS B 203 -8.10 -7.94 20.61
C HIS B 203 -7.44 -8.13 21.97
N GLN B 204 -6.13 -8.23 21.91
CA GLN B 204 -5.22 -8.30 23.08
C GLN B 204 -5.57 -7.24 24.13
N GLY B 205 -6.07 -6.04 23.77
CA GLY B 205 -6.43 -4.96 24.74
C GLY B 205 -7.72 -5.31 25.48
N LEU B 206 -8.51 -6.27 25.01
CA LEU B 206 -9.84 -6.57 25.58
C LEU B 206 -9.71 -7.83 26.43
N SER B 207 -10.38 -7.84 27.56
CA SER B 207 -10.32 -8.92 28.58
C SER B 207 -11.18 -10.07 28.08
N SER B 208 -12.19 -9.73 27.30
CA SER B 208 -13.09 -10.67 26.58
C SER B 208 -13.55 -9.97 25.30
N PRO B 209 -14.08 -10.74 24.31
CA PRO B 209 -14.53 -10.16 23.03
C PRO B 209 -15.70 -9.19 23.26
N VAL B 210 -15.67 -8.11 22.48
CA VAL B 210 -16.71 -7.06 22.50
C VAL B 210 -17.62 -7.25 21.28
N THR B 211 -18.91 -7.30 21.53
CA THR B 211 -19.94 -7.35 20.47
C THR B 211 -20.76 -6.07 20.44
N LYS B 212 -20.96 -5.50 19.27
CA LYS B 212 -21.94 -4.40 19.04
C LYS B 212 -23.02 -4.91 18.08
N SER B 213 -24.27 -4.57 18.24
CA SER B 213 -25.32 -5.15 17.40
C SER B 213 -26.52 -4.22 17.35
N PHE B 214 -27.39 -4.41 16.37
CA PHE B 214 -28.67 -3.69 16.25
C PHE B 214 -29.67 -4.69 15.73
N ASN B 215 -30.94 -4.44 16.03
CA ASN B 215 -32.12 -5.09 15.40
C ASN B 215 -32.54 -4.29 14.18
N ARG B 216 -32.65 -4.94 13.02
CA ARG B 216 -33.15 -4.29 11.78
C ARG B 216 -34.46 -3.58 12.14
N GLY B 217 -34.59 -2.30 11.78
CA GLY B 217 -35.74 -1.48 12.17
C GLY B 217 -35.32 -0.41 13.14
N CYS B 218 -34.45 0.50 12.61
CA CYS B 218 -34.19 1.92 13.02
C CYS B 218 -33.44 2.65 11.90
N SER C 7 37.82 -13.14 -16.08
CA SER C 7 37.66 -12.72 -14.65
C SER C 7 37.69 -11.21 -14.58
N SER C 8 36.75 -10.64 -13.85
CA SER C 8 36.72 -9.16 -13.75
C SER C 8 36.91 -8.79 -12.29
N ALA C 9 37.57 -7.64 -12.05
CA ALA C 9 37.77 -7.09 -10.70
C ALA C 9 36.39 -6.79 -10.09
N VAL C 10 35.41 -6.40 -10.90
CA VAL C 10 34.07 -5.93 -10.45
C VAL C 10 33.04 -6.86 -11.05
C CIR C 11 30.15 -6.57 -12.09
O CIR C 11 29.77 -5.39 -11.74
CA CIR C 11 30.72 -7.53 -11.08
N CIR C 11 31.85 -6.91 -10.35
C3 CIR C 11 29.63 -7.86 -10.08
C4 CIR C 11 30.16 -8.79 -9.04
C5 CIR C 11 30.30 -10.24 -9.57
N6 CIR C 11 29.06 -10.64 -10.13
C7 CIR C 11 28.90 -11.37 -11.16
O7 CIR C 11 29.89 -11.66 -11.79
N8 CIR C 11 27.67 -11.79 -11.49
H2 CIR C 11 31.69 -6.00 -9.83
HA CIR C 11 31.03 -8.45 -11.58
H CIR C 11 32.79 -7.29 -10.28
H31 CIR C 11 29.30 -6.94 -9.60
H32 CIR C 11 28.77 -8.29 -10.60
H41 CIR C 11 31.13 -8.44 -8.67
H42 CIR C 11 29.47 -8.80 -8.20
H51 CIR C 11 31.10 -10.27 -10.32
H52 CIR C 11 30.58 -10.90 -8.76
HN6 CIR C 11 28.24 -10.37 -9.61
HN81 CIR C 11 26.88 -11.51 -10.93
HN82 CIR C 11 27.54 -12.38 -12.30
N LEU C 12 30.07 -6.97 -13.34
CA LEU C 12 29.69 -6.23 -14.57
C LEU C 12 28.22 -6.56 -14.84
C CIR C 13 26.03 -6.60 -16.73
O CIR C 13 25.00 -7.37 -16.85
CA CIR C 13 26.11 -5.80 -15.47
N CIR C 13 27.46 -5.53 -14.99
C3 CIR C 13 25.29 -4.48 -15.45
C4 CIR C 13 23.81 -4.73 -15.73
C5 CIR C 13 22.91 -3.70 -15.09
N6 CIR C 13 23.09 -3.77 -13.64
C7 CIR C 13 22.64 -2.83 -12.80
O7 CIR C 13 22.69 -3.03 -11.56
N8 CIR C 13 22.14 -1.72 -13.25
H2 CIR C 13 28.16 -5.24 -15.67
HA CIR C 13 25.64 -6.44 -14.70
H CIR C 13 27.66 -5.58 -14.01
H31 CIR C 13 25.42 -4.00 -14.48
H32 CIR C 13 25.69 -3.81 -16.22
H41 CIR C 13 23.65 -4.74 -16.80
H42 CIR C 13 23.54 -5.72 -15.35
H51 CIR C 13 23.20 -2.73 -15.47
H52 CIR C 13 21.87 -3.90 -15.36
HN6 CIR C 13 23.49 -4.60 -13.25
HN81 CIR C 13 22.08 -1.52 -14.24
HN82 CIR C 13 21.81 -1.06 -12.57
N SER C 14 26.77 -6.28 -17.85
CA SER C 14 26.47 -7.08 -19.07
C SER C 14 27.10 -8.48 -19.10
N SER C 15 27.91 -8.94 -18.12
CA SER C 15 28.56 -10.28 -18.19
C SER C 15 27.52 -11.42 -18.28
C1 NAG D . 11.86 -5.05 -28.70
C2 NAG D . 11.67 -5.99 -29.91
C3 NAG D . 12.99 -6.01 -30.76
C4 NAG D . 13.09 -4.69 -31.57
C5 NAG D . 13.04 -3.62 -30.44
C6 NAG D . 13.01 -2.22 -31.02
C7 NAG D . 11.55 -8.08 -28.68
C8 NAG D . 10.75 -9.03 -27.93
N2 NAG D . 10.97 -7.17 -29.42
O3 NAG D . 13.08 -7.11 -31.63
O4 NAG D . 14.23 -4.62 -32.53
O5 NAG D . 11.91 -3.82 -29.49
O6 NAG D . 11.75 -2.08 -31.67
O7 NAG D . 12.73 -8.03 -28.58
H1 NAG D . 12.85 -5.25 -28.26
H2 NAG D . 10.92 -5.50 -30.55
H3 NAG D . 13.84 -6.04 -30.06
H4 NAG D . 12.16 -4.60 -32.15
H5 NAG D . 13.99 -3.71 -29.88
H61 NAG D . 13.82 -2.08 -31.73
H62 NAG D . 13.11 -1.47 -30.23
H81 NAG D . 10.56 -9.84 -28.58
H82 NAG D . 11.30 -9.38 -27.09
H83 NAG D . 9.87 -8.55 -27.61
HN2 NAG D . 9.96 -7.20 -29.55
HO3 NAG D . 14.08 -7.09 -32.00
HO4 NAG D . 14.32 -3.76 -33.27
HO6 NAG D . 11.36 -1.42 -31.96
C1 NAG E . 17.11 14.76 -23.55
C2 NAG E . 16.62 16.16 -23.73
C3 NAG E . 17.72 16.95 -24.45
C4 NAG E . 18.79 17.32 -23.41
C5 NAG E . 19.22 16.03 -22.66
C6 NAG E . 19.93 16.45 -21.32
C7 NAG E . 14.81 15.95 -25.43
C8 NAG E . 13.41 16.41 -25.75
N2 NAG E . 15.23 16.29 -24.23
O3 NAG E . 17.03 18.04 -25.02
O4 NAG E . 19.86 18.16 -23.98
O5 NAG E . 18.09 14.99 -22.46
O6 NAG E . 19.26 16.03 -20.08
O7 NAG E . 15.60 15.32 -26.14
H1 NAG E . 17.64 14.45 -24.47
H2 NAG E . 16.57 16.58 -22.72
H3 NAG E . 18.19 16.33 -25.24
H4 NAG E . 18.28 17.95 -22.67
H5 NAG E . 19.99 15.56 -23.28
H61 NAG E . 20.06 17.53 -21.30
H62 NAG E . 20.94 16.01 -21.32
H81 NAG E . 13.23 17.36 -25.33
H82 NAG E . 13.30 16.48 -26.81
H83 NAG E . 12.71 15.72 -25.38
HN2 NAG E . 14.59 16.78 -23.61
HO3 NAG E . 17.69 18.53 -25.53
HO4 NAG E . 20.34 19.07 -23.18
HO6 NAG E . 19.76 16.29 -19.18
C1 NAG F . 22.57 -8.96 13.35
C2 NAG F . 23.92 -9.61 13.65
C3 NAG F . 23.63 -10.82 14.55
C4 NAG F . 23.00 -10.35 15.88
C5 NAG F . 21.57 -9.96 15.44
C6 NAG F . 20.67 -9.51 16.54
C7 NAG F . 25.23 -9.22 11.47
C8 NAG F . 25.32 -9.92 10.13
N2 NAG F . 24.60 -10.00 12.39
O3 NAG F . 24.84 -11.53 14.75
O4 NAG F . 23.07 -11.32 17.00
O5 NAG F . 21.64 -8.89 14.44
O6 NAG F . 19.40 -9.49 15.89
O7 NAG F . 25.63 -8.04 11.60
H1 NAG F . 22.80 -7.94 13.05
H2 NAG F . 24.56 -8.89 14.20
H3 NAG F . 22.93 -11.48 14.02
H4 NAG F . 23.51 -9.43 16.18
H5 NAG F . 21.11 -10.84 14.97
H61 NAG F . 20.94 -8.51 16.90
H62 NAG F . 20.67 -10.21 17.38
H81 NAG F . 24.34 -10.13 9.78
H82 NAG F . 25.82 -9.28 9.45
H83 NAG F . 25.86 -10.82 10.24
HN2 NAG F . 24.38 -10.95 12.11
HO3 NAG F . 24.42 -12.40 14.96
HO4 NAG F . 22.65 -11.03 17.85
HO6 NAG F . 18.64 -9.19 16.30
#